data_9JTI
#
_entry.id   9JTI
#
_cell.length_a   61.100
_cell.length_b   69.200
_cell.length_c   80.500
_cell.angle_alpha   90.000
_cell.angle_beta   111.110
_cell.angle_gamma   90.000
#
_symmetry.space_group_name_H-M   'P 1 21 1'
#
loop_
_entity.id
_entity.type
_entity.pdbx_description
1 polymer 'NeIle,Leu/Ile/Val-binding protein'
2 non-polymer ISOLEUCINE
3 non-polymer GLYCEROL
4 non-polymer 'CHLORIDE ION'
5 water water
#
_entity_poly.entity_id   1
_entity_poly.type   'polypeptide(L)'
_entity_poly.pdbx_seq_one_letter_code
;MEDIKVAVVGAMSAGADWRISKEA(CSX)PNGKTLISTLKWSYTTGDGKRYRSTARTTFTFAKPMAANYLKNQPMYVFRR
TELKHSKTEMDFKEWQKAFTDVVGMDELYKVDGGSGGTGMVSEGEVDNMASLPATHELHIFGSINGVGFDMVGQGSGNPN
VGYEELNLKSTKGELQFSPWILVPHI(CR2)FHQYLPYPDGMSPFQAAMVDGSGYQVHRTVRFEDGASLTVNYRYTYEGS
HIKGEAQVKGTGFPADGPVMTNSLTAFHIGPVTQYGDQEFTGAEQAVADINARGGIKGNKLQIVKYDDACDPKQAVAVAN
RVVNDGIKYVIGHLCSSSAQPASDIYEDAGILMITPAATAPELTARGYQLILRTTGLDSDQGLTAAKYILEKVKPQRIAI
VHDKQQYGEGLARAVQGGLKKGNANVVFFDGITAGEKDFSTLVARLKKENIDFVYYGGYHPEMGQILRQARAAGLKTQFM
GPEGVANVSLSNIAGESAEGLLVTKPKNYDQVPANKHIVDAVKAKKQDPSGAFVWTTYAALQSLQAGLNQSDDPAEIAKY
LKANSVDTVMGPLTWDEKGDLKGFEFGVFDWHANGTATDAK
;
_entity_poly.pdbx_strand_id   A
#
loop_
_chem_comp.id
_chem_comp.type
_chem_comp.name
_chem_comp.formula
CL non-polymer 'CHLORIDE ION' 'Cl -1'
GOL non-polymer GLYCEROL 'C3 H8 O3'
#
# COMPACT_ATOMS: atom_id res chain seq x y z
N MET A 1 28.75 -2.33 -12.88
CA MET A 1 27.62 -1.57 -13.50
C MET A 1 26.34 -1.81 -12.70
N GLU A 2 26.43 -1.80 -11.36
CA GLU A 2 25.35 -2.20 -10.41
C GLU A 2 24.20 -1.18 -10.47
N ASP A 3 22.97 -1.65 -10.27
CA ASP A 3 21.75 -0.79 -10.26
C ASP A 3 21.84 0.21 -9.10
N ILE A 4 21.26 1.40 -9.28
CA ILE A 4 21.04 2.40 -8.20
C ILE A 4 19.63 2.18 -7.60
N LYS A 5 19.52 1.83 -6.31
CA LYS A 5 18.21 1.55 -5.67
C LYS A 5 17.58 2.87 -5.20
N VAL A 6 16.28 3.04 -5.46
CA VAL A 6 15.47 4.18 -4.97
C VAL A 6 14.23 3.61 -4.24
N ALA A 7 14.00 3.99 -2.99
CA ALA A 7 12.81 3.57 -2.24
C ALA A 7 11.61 4.40 -2.70
N VAL A 8 10.47 3.75 -3.01
CA VAL A 8 9.19 4.47 -3.32
C VAL A 8 8.17 4.02 -2.27
N VAL A 9 7.72 4.91 -1.39
CA VAL A 9 6.87 4.54 -0.20
C VAL A 9 5.41 4.90 -0.54
N GLY A 10 4.63 3.87 -0.88
CA GLY A 10 3.18 3.97 -1.14
C GLY A 10 2.36 3.86 0.14
N ALA A 11 1.06 3.59 0.00
CA ALA A 11 0.11 3.58 1.15
C ALA A 11 -1.13 2.76 0.81
N MET A 12 -1.37 1.70 1.61
CA MET A 12 -2.55 0.77 1.52
C MET A 12 -2.65 0.18 0.09
N SER A 13 -1.50 -0.27 -0.44
CA SER A 13 -1.41 -1.03 -1.71
C SER A 13 -2.08 -2.41 -1.56
N ALA A 14 -2.63 -2.95 -2.66
CA ALA A 14 -3.07 -4.36 -2.76
C ALA A 14 -1.82 -5.25 -2.74
N GLY A 15 -0.88 -5.04 -3.68
CA GLY A 15 0.32 -5.87 -3.88
C GLY A 15 0.04 -7.12 -4.72
N ALA A 16 1.08 -7.90 -5.00
CA ALA A 16 1.02 -9.12 -5.86
C ALA A 16 0.17 -10.21 -5.17
N ASP A 17 -0.68 -10.89 -5.95
CA ASP A 17 -1.56 -12.01 -5.47
C ASP A 17 -0.69 -13.26 -5.30
N TRP A 18 0.29 -13.41 -6.18
CA TRP A 18 1.27 -14.52 -6.18
C TRP A 18 2.50 -14.13 -5.32
N ARG A 19 2.99 -15.03 -4.48
CA ARG A 19 4.24 -14.89 -3.70
C ARG A 19 5.28 -15.91 -4.18
N ILE A 20 6.57 -15.53 -4.23
CA ILE A 20 7.67 -16.36 -4.76
C ILE A 20 8.48 -17.03 -3.63
N SER A 21 8.59 -18.37 -3.66
CA SER A 21 9.49 -19.17 -2.79
C SER A 21 10.76 -19.50 -3.60
N LYS A 22 11.96 -19.34 -3.03
CA LYS A 22 13.24 -19.77 -3.69
C LYS A 22 13.69 -21.11 -3.08
N GLU A 23 13.86 -22.14 -3.91
CA GLU A 23 14.25 -23.52 -3.51
C GLU A 23 15.72 -23.80 -3.90
N ALA A 24 16.55 -24.25 -2.96
CA ALA A 24 17.98 -24.68 -3.19
C ALA A 24 18.25 -25.99 -2.44
N CSX A 25 19.24 -26.76 -2.93
CA CSX A 25 19.62 -28.03 -2.30
CB CSX A 25 19.22 -29.24 -3.16
SG CSX A 25 17.44 -29.38 -3.51
C CSX A 25 21.12 -28.04 -1.99
O CSX A 25 21.93 -28.19 -2.92
OD CSX A 25 17.26 -29.69 -5.14
N PRO A 26 21.56 -27.94 -0.70
CA PRO A 26 22.99 -27.97 -0.37
C PRO A 26 23.65 -29.37 -0.47
N ASN A 27 22.83 -30.42 -0.45
CA ASN A 27 23.26 -31.84 -0.55
C ASN A 27 22.09 -32.71 -1.02
N GLY A 28 22.32 -34.00 -1.21
CA GLY A 28 21.31 -34.91 -1.78
C GLY A 28 20.08 -35.17 -0.88
N LYS A 29 20.17 -34.90 0.45
CA LYS A 29 19.08 -35.29 1.40
C LYS A 29 18.32 -34.05 1.93
N THR A 30 18.64 -32.84 1.46
CA THR A 30 18.07 -31.57 2.00
C THR A 30 17.63 -30.61 0.88
N LEU A 31 16.39 -30.08 0.99
CA LEU A 31 15.90 -28.92 0.19
C LEU A 31 15.51 -27.83 1.18
N ILE A 32 15.99 -26.59 0.91
CA ILE A 32 15.74 -25.37 1.72
C ILE A 32 14.90 -24.40 0.86
N SER A 33 13.78 -23.94 1.39
CA SER A 33 12.87 -22.93 0.76
C SER A 33 12.84 -21.65 1.59
N THR A 34 13.00 -20.47 0.96
CA THR A 34 12.94 -19.15 1.65
C THR A 34 11.79 -18.28 1.09
N LEU A 35 11.09 -17.55 1.97
CA LEU A 35 9.80 -16.86 1.69
C LEU A 35 9.70 -15.56 2.50
N LYS A 36 9.22 -14.48 1.88
CA LYS A 36 8.71 -13.24 2.54
C LYS A 36 7.17 -13.26 2.48
N TRP A 37 6.50 -13.01 3.60
CA TRP A 37 5.01 -13.01 3.69
C TRP A 37 4.53 -11.86 4.58
N SER A 38 3.78 -10.88 4.03
CA SER A 38 3.14 -9.79 4.79
C SER A 38 1.65 -10.10 4.92
N TYR A 39 1.12 -10.04 6.14
CA TYR A 39 -0.32 -10.12 6.45
C TYR A 39 -0.89 -8.69 6.36
N THR A 40 -2.21 -8.52 6.29
CA THR A 40 -2.85 -7.18 6.33
C THR A 40 -3.87 -7.14 7.47
N THR A 41 -3.99 -5.99 8.12
CA THR A 41 -4.98 -5.76 9.21
C THR A 41 -6.27 -5.19 8.62
N GLY A 42 -7.35 -5.18 9.41
CA GLY A 42 -8.67 -4.63 9.01
C GLY A 42 -8.56 -3.13 8.74
N ASP A 43 -7.65 -2.47 9.48
CA ASP A 43 -7.19 -1.04 9.42
C ASP A 43 -6.34 -0.70 8.17
N GLY A 44 -5.93 -1.67 7.36
CA GLY A 44 -5.11 -1.49 6.15
C GLY A 44 -3.59 -1.43 6.42
N LYS A 45 -3.11 -1.87 7.58
CA LYS A 45 -1.65 -1.89 7.92
C LYS A 45 -1.04 -3.23 7.54
N ARG A 46 0.27 -3.27 7.32
CA ARG A 46 1.04 -4.51 7.01
C ARG A 46 1.64 -5.08 8.30
N TYR A 47 1.70 -6.43 8.40
CA TYR A 47 2.40 -7.19 9.49
C TYR A 47 3.39 -8.17 8.84
N ARG A 48 4.71 -7.90 8.91
CA ARG A 48 5.75 -8.52 8.04
C ARG A 48 6.37 -9.76 8.72
N SER A 49 6.59 -10.83 7.94
CA SER A 49 7.25 -12.09 8.39
C SER A 49 8.24 -12.59 7.33
N THR A 50 9.25 -13.40 7.74
CA THR A 50 10.12 -14.18 6.82
C THR A 50 10.17 -15.64 7.31
N ALA A 51 10.25 -16.60 6.41
CA ALA A 51 10.20 -18.05 6.77
C ALA A 51 11.35 -18.81 6.09
N ARG A 52 11.84 -19.85 6.79
CA ARG A 52 12.83 -20.81 6.27
C ARG A 52 12.24 -22.20 6.52
N THR A 53 12.06 -22.96 5.45
CA THR A 53 11.49 -24.33 5.47
C THR A 53 12.56 -25.35 5.07
N THR A 54 12.74 -26.39 5.89
CA THR A 54 13.71 -27.50 5.71
C THR A 54 12.94 -28.79 5.40
N PHE A 55 13.27 -29.44 4.27
CA PHE A 55 12.75 -30.75 3.81
C PHE A 55 13.88 -31.79 3.95
N THR A 56 13.65 -32.85 4.74
CA THR A 56 14.62 -33.93 5.06
C THR A 56 14.18 -35.22 4.36
N PHE A 57 14.94 -35.67 3.34
CA PHE A 57 14.59 -36.85 2.52
C PHE A 57 15.29 -38.11 3.06
N ALA A 58 14.55 -39.20 3.16
CA ALA A 58 15.11 -40.48 3.67
C ALA A 58 16.10 -41.11 2.66
N LYS A 59 15.83 -41.01 1.36
CA LYS A 59 16.72 -41.47 0.28
C LYS A 59 17.18 -40.23 -0.47
N PRO A 60 18.42 -40.20 -1.02
CA PRO A 60 18.90 -39.07 -1.80
C PRO A 60 18.05 -38.73 -3.04
N MET A 61 17.89 -37.43 -3.33
CA MET A 61 17.17 -36.92 -4.53
C MET A 61 17.97 -37.31 -5.79
N ALA A 62 17.26 -37.55 -6.88
CA ALA A 62 17.87 -37.84 -8.20
C ALA A 62 18.80 -36.70 -8.63
N ALA A 63 19.91 -37.01 -9.31
CA ALA A 63 20.95 -36.04 -9.71
C ALA A 63 20.36 -34.84 -10.52
N ASN A 64 19.38 -35.08 -11.39
CA ASN A 64 18.75 -34.00 -12.21
C ASN A 64 18.29 -32.84 -11.32
N TYR A 65 17.70 -33.12 -10.16
CA TYR A 65 17.20 -32.06 -9.24
C TYR A 65 18.37 -31.20 -8.76
N LEU A 66 19.49 -31.83 -8.39
CA LEU A 66 20.67 -31.14 -7.81
C LEU A 66 21.37 -30.25 -8.85
N LYS A 67 21.33 -30.61 -10.14
CA LYS A 67 22.02 -29.86 -11.22
C LYS A 67 21.19 -28.64 -11.64
N ASN A 68 19.88 -28.66 -11.41
CA ASN A 68 18.95 -27.60 -11.89
C ASN A 68 18.45 -26.79 -10.69
N GLN A 69 19.26 -25.86 -10.20
CA GLN A 69 18.87 -24.96 -9.08
C GLN A 69 19.51 -23.59 -9.25
N PRO A 70 18.95 -22.53 -8.64
CA PRO A 70 17.72 -22.63 -7.84
C PRO A 70 16.43 -22.78 -8.69
N MET A 71 15.34 -23.22 -8.03
CA MET A 71 13.97 -23.23 -8.61
C MET A 71 13.14 -22.15 -7.91
N TYR A 72 12.13 -21.62 -8.60
CA TYR A 72 11.24 -20.56 -8.08
C TYR A 72 9.81 -21.10 -8.13
N VAL A 73 9.09 -21.06 -7.01
CA VAL A 73 7.66 -21.51 -6.97
C VAL A 73 6.76 -20.31 -6.65
N PHE A 74 5.82 -20.01 -7.54
CA PHE A 74 4.79 -18.96 -7.36
C PHE A 74 3.54 -19.61 -6.77
N ARG A 75 2.99 -19.06 -5.67
CA ARG A 75 1.78 -19.61 -5.00
C ARG A 75 0.79 -18.49 -4.66
N ARG A 76 -0.50 -18.78 -4.75
CA ARG A 76 -1.56 -17.89 -4.19
C ARG A 76 -2.58 -18.70 -3.40
N THR A 77 -3.19 -18.07 -2.39
CA THR A 77 -4.14 -18.75 -1.45
C THR A 77 -5.43 -17.96 -1.29
N GLU A 78 -6.51 -18.65 -0.93
CA GLU A 78 -7.80 -18.02 -0.52
C GLU A 78 -8.26 -18.64 0.81
N LEU A 79 -8.80 -17.84 1.76
CA LEU A 79 -9.34 -18.31 3.06
C LEU A 79 -10.71 -17.66 3.32
N LYS A 80 -11.73 -18.46 3.59
CA LYS A 80 -12.97 -18.00 4.27
C LYS A 80 -13.01 -18.67 5.63
N HIS A 81 -13.45 -17.97 6.67
CA HIS A 81 -13.40 -18.53 8.04
C HIS A 81 -14.46 -17.91 8.96
N SER A 82 -14.81 -18.68 9.99
CA SER A 82 -15.52 -18.23 11.21
C SER A 82 -14.51 -18.25 12.37
N LYS A 83 -14.96 -18.39 13.63
CA LYS A 83 -14.02 -18.61 14.75
C LYS A 83 -13.83 -20.13 15.00
N THR A 84 -14.55 -21.00 14.30
CA THR A 84 -14.53 -22.48 14.53
C THR A 84 -14.30 -23.30 13.25
N GLU A 85 -14.27 -22.69 12.06
CA GLU A 85 -14.19 -23.44 10.77
C GLU A 85 -13.35 -22.64 9.77
N MET A 86 -12.61 -23.33 8.91
CA MET A 86 -11.74 -22.71 7.85
C MET A 86 -11.98 -23.45 6.52
N ASP A 87 -12.23 -22.69 5.45
CA ASP A 87 -12.32 -23.22 4.04
C ASP A 87 -11.20 -22.60 3.19
N PHE A 88 -10.25 -23.42 2.72
CA PHE A 88 -8.96 -22.99 2.13
C PHE A 88 -8.81 -23.52 0.70
N LYS A 89 -8.16 -22.72 -0.17
CA LYS A 89 -7.72 -23.12 -1.54
C LYS A 89 -6.27 -22.63 -1.77
N GLU A 90 -5.46 -23.38 -2.56
CA GLU A 90 -4.08 -22.99 -2.95
C GLU A 90 -3.79 -23.39 -4.43
N TRP A 91 -3.08 -22.52 -5.16
CA TRP A 91 -2.59 -22.73 -6.54
C TRP A 91 -1.05 -22.57 -6.53
N GLN A 92 -0.31 -23.47 -7.21
CA GLN A 92 1.18 -23.50 -7.16
C GLN A 92 1.74 -23.74 -8.57
N LYS A 93 2.79 -23.01 -8.96
CA LYS A 93 3.47 -23.16 -10.28
C LYS A 93 4.97 -22.96 -10.14
N ALA A 94 5.77 -23.94 -10.60
CA ALA A 94 7.25 -23.94 -10.52
C ALA A 94 7.87 -23.46 -11.86
N PHE A 95 8.97 -22.69 -11.79
CA PHE A 95 9.78 -22.22 -12.96
C PHE A 95 11.29 -22.30 -12.66
N THR A 96 12.13 -22.38 -13.70
CA THR A 96 13.61 -22.35 -13.55
C THR A 96 14.10 -20.90 -13.43
N ASP A 97 13.27 -19.91 -13.75
CA ASP A 97 13.63 -18.47 -13.60
C ASP A 97 12.44 -17.65 -13.09
N VAL A 98 12.70 -16.40 -12.69
CA VAL A 98 11.68 -15.42 -12.19
C VAL A 98 10.97 -14.76 -13.39
N VAL A 99 10.01 -15.45 -14.01
CA VAL A 99 9.00 -14.88 -14.97
C VAL A 99 7.80 -15.82 -14.95
N GLY A 100 6.67 -15.36 -14.39
CA GLY A 100 5.42 -16.15 -14.29
C GLY A 100 4.81 -16.39 -15.66
N MET A 101 3.88 -17.35 -15.76
CA MET A 101 3.17 -17.72 -17.03
C MET A 101 2.78 -16.43 -17.76
N ASP A 102 2.40 -15.40 -16.98
CA ASP A 102 2.04 -14.03 -17.44
C ASP A 102 0.70 -14.11 -18.19
N GLU A 103 -0.22 -13.19 -17.85
CA GLU A 103 -1.68 -13.33 -18.09
C GLU A 103 -2.15 -12.26 -19.08
N ALA A 126 3.46 -45.75 -5.01
CA ALA A 126 2.83 -46.29 -6.25
C ALA A 126 1.95 -45.22 -6.91
N SER A 127 1.05 -44.57 -6.17
CA SER A 127 0.12 -43.56 -6.74
C SER A 127 0.58 -42.14 -6.41
N LEU A 128 0.25 -41.18 -7.28
CA LEU A 128 0.22 -39.73 -6.95
C LEU A 128 -1.06 -39.45 -6.15
N PRO A 129 -1.14 -38.34 -5.38
CA PRO A 129 -2.29 -38.11 -4.51
C PRO A 129 -3.59 -37.66 -5.22
N ALA A 130 -4.75 -38.02 -4.68
CA ALA A 130 -6.07 -37.47 -5.11
C ALA A 130 -6.82 -36.81 -3.94
N THR A 131 -6.63 -37.29 -2.69
CA THR A 131 -7.36 -36.82 -1.48
C THR A 131 -6.37 -36.70 -0.31
N HIS A 132 -6.72 -35.92 0.71
CA HIS A 132 -5.86 -35.78 1.92
C HIS A 132 -6.70 -35.44 3.14
N GLU A 133 -6.12 -35.61 4.32
CA GLU A 133 -6.70 -35.11 5.60
C GLU A 133 -5.57 -34.52 6.45
N LEU A 134 -5.91 -33.51 7.26
CA LEU A 134 -4.94 -32.83 8.17
C LEU A 134 -5.47 -32.82 9.62
N HIS A 135 -4.58 -33.17 10.56
CA HIS A 135 -4.71 -32.89 12.01
C HIS A 135 -3.64 -31.85 12.39
N ILE A 136 -4.03 -30.60 12.73
CA ILE A 136 -3.11 -29.49 13.11
C ILE A 136 -3.45 -29.02 14.53
N PHE A 137 -2.44 -28.91 15.40
CA PHE A 137 -2.68 -28.69 16.85
C PHE A 137 -1.42 -28.05 17.47
N GLY A 138 -1.57 -27.49 18.66
CA GLY A 138 -0.44 -26.86 19.39
C GLY A 138 -0.89 -25.65 20.19
N SER A 139 -0.08 -24.61 20.28
CA SER A 139 -0.42 -23.41 21.09
C SER A 139 0.15 -22.13 20.47
N ILE A 140 -0.53 -20.99 20.70
CA ILE A 140 -0.12 -19.61 20.31
C ILE A 140 -0.10 -18.76 21.61
N ASN A 141 1.06 -18.32 22.10
CA ASN A 141 1.16 -17.62 23.41
C ASN A 141 0.53 -18.46 24.51
N GLY A 142 0.67 -19.79 24.45
CA GLY A 142 0.09 -20.74 25.43
C GLY A 142 -1.41 -21.03 25.24
N VAL A 143 -2.08 -20.40 24.29
CA VAL A 143 -3.53 -20.66 24.02
C VAL A 143 -3.61 -21.92 23.14
N GLY A 144 -4.18 -22.98 23.68
CA GLY A 144 -4.27 -24.30 23.01
C GLY A 144 -5.25 -24.29 21.84
N PHE A 145 -5.00 -25.10 20.80
CA PHE A 145 -5.96 -25.34 19.68
C PHE A 145 -5.77 -26.75 19.10
N ASP A 146 -6.80 -27.24 18.40
CA ASP A 146 -6.81 -28.55 17.68
C ASP A 146 -7.88 -28.50 16.59
N MET A 147 -7.49 -28.74 15.33
N MET A 147 -7.47 -28.73 15.32
CA MET A 147 -8.43 -28.79 14.18
CA MET A 147 -8.36 -28.74 14.12
C MET A 147 -8.19 -30.06 13.33
C MET A 147 -8.19 -30.08 13.37
N VAL A 148 -9.26 -30.56 12.72
CA VAL A 148 -9.24 -31.79 11.85
C VAL A 148 -10.11 -31.55 10.61
N GLY A 149 -9.74 -32.12 9.47
CA GLY A 149 -10.62 -32.06 8.29
C GLY A 149 -10.08 -32.75 7.04
N GLN A 150 -10.93 -32.77 6.00
CA GLN A 150 -10.70 -33.50 4.72
C GLN A 150 -10.53 -32.51 3.56
N GLY A 151 -9.72 -32.90 2.57
CA GLY A 151 -9.43 -32.14 1.36
C GLY A 151 -9.19 -33.00 0.13
N SER A 152 -8.88 -32.36 -1.00
CA SER A 152 -8.57 -33.01 -2.29
C SER A 152 -7.72 -32.08 -3.15
N GLY A 153 -7.22 -32.57 -4.29
CA GLY A 153 -6.37 -31.76 -5.19
C GLY A 153 -6.02 -32.45 -6.49
N ASN A 154 -5.28 -31.75 -7.34
CA ASN A 154 -4.90 -32.21 -8.71
C ASN A 154 -3.38 -32.07 -8.88
N PRO A 155 -2.61 -33.19 -8.78
CA PRO A 155 -1.13 -33.14 -8.81
C PRO A 155 -0.50 -32.88 -10.18
N ASN A 156 -1.34 -32.84 -11.22
CA ASN A 156 -0.92 -32.49 -12.59
C ASN A 156 -0.84 -30.97 -12.74
N VAL A 157 -1.52 -30.17 -11.92
CA VAL A 157 -1.57 -28.68 -12.10
C VAL A 157 -1.26 -27.89 -10.82
N GLY A 158 -1.06 -28.54 -9.66
CA GLY A 158 -0.68 -27.82 -8.42
C GLY A 158 -1.87 -27.18 -7.69
N TYR A 159 -3.07 -27.74 -7.77
CA TYR A 159 -4.28 -27.24 -7.05
C TYR A 159 -4.56 -28.09 -5.82
N GLU A 160 -4.94 -27.45 -4.69
CA GLU A 160 -5.50 -28.19 -3.53
C GLU A 160 -6.57 -27.36 -2.79
N GLU A 161 -7.48 -28.07 -2.11
CA GLU A 161 -8.52 -27.43 -1.26
C GLU A 161 -8.68 -28.22 0.05
N LEU A 162 -9.11 -27.56 1.13
CA LEU A 162 -9.20 -28.17 2.49
C LEU A 162 -10.31 -27.52 3.32
N ASN A 163 -11.12 -28.33 4.02
CA ASN A 163 -12.05 -27.87 5.10
C ASN A 163 -11.47 -28.30 6.47
N LEU A 164 -11.40 -27.39 7.46
CA LEU A 164 -10.96 -27.72 8.85
C LEU A 164 -12.02 -27.28 9.87
N LYS A 165 -12.26 -28.10 10.89
CA LYS A 165 -13.16 -27.77 12.04
C LYS A 165 -12.40 -27.87 13.37
N SER A 166 -12.62 -26.92 14.29
CA SER A 166 -12.10 -26.94 15.68
C SER A 166 -12.71 -28.11 16.48
N THR A 167 -11.91 -28.83 17.26
CA THR A 167 -12.40 -29.84 18.25
C THR A 167 -12.40 -29.28 19.69
N LYS A 168 -11.99 -28.03 19.91
CA LYS A 168 -11.88 -27.41 21.27
C LYS A 168 -12.58 -26.05 21.34
N GLY A 169 -13.67 -25.85 20.60
CA GLY A 169 -14.43 -24.57 20.58
C GLY A 169 -13.73 -23.41 19.87
N GLU A 170 -14.15 -22.19 20.17
CA GLU A 170 -13.73 -20.91 19.54
C GLU A 170 -12.20 -20.75 19.56
N LEU A 171 -11.55 -20.42 18.42
CA LEU A 171 -10.12 -19.98 18.37
C LEU A 171 -10.04 -18.57 18.98
N GLN A 172 -9.15 -18.37 19.94
CA GLN A 172 -8.98 -17.07 20.66
C GLN A 172 -7.70 -16.37 20.17
N PHE A 173 -7.45 -16.45 18.87
CA PHE A 173 -6.41 -15.74 18.08
C PHE A 173 -6.86 -15.73 16.61
N SER A 174 -6.22 -14.92 15.74
CA SER A 174 -6.54 -14.85 14.29
C SER A 174 -6.32 -16.19 13.59
N PRO A 175 -7.34 -16.82 12.92
CA PRO A 175 -7.10 -18.01 12.09
C PRO A 175 -6.11 -17.81 10.93
N TRP A 176 -5.89 -16.56 10.51
CA TRP A 176 -4.89 -16.26 9.45
C TRP A 176 -3.46 -16.68 9.87
N ILE A 177 -3.13 -16.75 11.17
CA ILE A 177 -1.76 -17.15 11.65
C ILE A 177 -1.46 -18.62 11.25
N LEU A 178 -2.48 -19.42 10.91
CA LEU A 178 -2.30 -20.84 10.48
C LEU A 178 -2.19 -20.97 8.94
N VAL A 179 -2.29 -19.87 8.18
CA VAL A 179 -1.95 -19.78 6.72
C VAL A 179 -0.54 -19.18 6.58
N PRO A 180 0.41 -19.72 5.77
CA PRO A 180 0.20 -20.81 4.80
C PRO A 180 0.32 -22.26 5.29
N HIS A 181 0.46 -22.51 6.60
CA HIS A 181 0.88 -23.82 7.19
C HIS A 181 -0.13 -24.93 6.87
N ILE A 182 -1.40 -24.60 6.65
CA ILE A 182 -2.43 -25.65 6.34
C ILE A 182 -2.31 -26.08 4.87
N1 CR2 A 183 -1.47 -25.62 3.79
CA1 CR2 A 183 -1.19 -26.20 2.44
C1 CR2 A 183 0.25 -25.94 2.41
N2 CR2 A 183 0.76 -24.77 1.86
N3 CR2 A 183 1.18 -26.66 3.13
C2 CR2 A 183 2.31 -25.97 3.04
O2 CR2 A 183 3.44 -26.31 3.60
CA2 CR2 A 183 2.06 -24.76 2.28
CA3 CR2 A 183 0.99 -27.90 3.91
C3 CR2 A 183 1.30 -29.16 3.19
O3 CR2 A 183 1.50 -30.31 3.73
CB2 CR2 A 183 3.12 -23.79 1.94
CG2 CR2 A 183 3.09 -22.49 1.21
CD1 CR2 A 183 1.90 -21.89 0.72
CD2 CR2 A 183 4.30 -21.82 1.12
CE1 CR2 A 183 1.96 -20.66 0.11
CE2 CR2 A 183 4.34 -20.55 0.50
CZ CR2 A 183 3.17 -19.99 -0.04
OH CR2 A 183 3.22 -18.74 -0.67
N PHE A 184 0.96 -29.32 1.66
CA PHE A 184 0.96 -30.66 0.97
C PHE A 184 1.64 -30.46 -0.41
N HIS A 185 2.98 -30.39 -0.44
N HIS A 185 2.97 -30.40 -0.40
CA HIS A 185 3.74 -30.16 -1.69
CA HIS A 185 3.83 -30.21 -1.61
C HIS A 185 3.73 -31.42 -2.58
C HIS A 185 3.74 -31.42 -2.56
N GLN A 186 3.12 -32.53 -2.15
CA GLN A 186 2.89 -33.73 -3.02
C GLN A 186 1.94 -33.36 -4.18
N TYR A 187 1.20 -32.24 -4.10
CA TYR A 187 0.32 -31.77 -5.21
C TYR A 187 1.10 -30.89 -6.22
N LEU A 188 2.39 -30.53 -6.00
CA LEU A 188 3.18 -29.65 -6.92
C LEU A 188 3.94 -30.47 -7.96
N PRO A 189 3.64 -30.34 -9.28
CA PRO A 189 4.55 -30.83 -10.32
C PRO A 189 5.68 -29.84 -10.62
N TYR A 190 6.77 -30.33 -11.25
CA TYR A 190 7.88 -29.50 -11.81
C TYR A 190 7.65 -29.32 -13.31
N PRO A 191 8.41 -28.43 -13.98
CA PRO A 191 8.18 -28.15 -15.40
C PRO A 191 8.19 -29.35 -16.35
N ASP A 192 9.06 -30.35 -16.16
CA ASP A 192 9.20 -31.49 -17.11
C ASP A 192 8.95 -32.86 -16.46
N GLY A 193 8.33 -32.90 -15.27
CA GLY A 193 8.07 -34.19 -14.59
C GLY A 193 7.72 -33.97 -13.11
N MET A 194 7.82 -35.03 -12.32
CA MET A 194 7.52 -34.96 -10.85
C MET A 194 8.46 -33.96 -10.14
N SER A 195 7.96 -33.27 -9.13
CA SER A 195 8.80 -32.54 -8.14
C SER A 195 9.57 -33.56 -7.30
N PRO A 196 10.62 -33.17 -6.53
CA PRO A 196 11.26 -34.12 -5.62
C PRO A 196 10.33 -34.61 -4.49
N PHE A 197 9.35 -33.78 -4.12
CA PHE A 197 8.28 -34.13 -3.14
C PHE A 197 7.46 -35.31 -3.68
N GLN A 198 6.98 -35.20 -4.93
CA GLN A 198 6.20 -36.26 -5.62
C GLN A 198 7.03 -37.55 -5.77
N ALA A 199 8.29 -37.44 -6.16
CA ALA A 199 9.18 -38.61 -6.40
C ALA A 199 9.38 -39.39 -5.09
N ALA A 200 9.52 -38.70 -3.96
CA ALA A 200 9.69 -39.34 -2.62
C ALA A 200 8.40 -40.06 -2.19
N MET A 201 7.22 -39.49 -2.48
CA MET A 201 5.90 -40.14 -2.17
C MET A 201 5.71 -41.41 -3.01
N VAL A 202 5.99 -41.34 -4.32
CA VAL A 202 5.81 -42.49 -5.26
C VAL A 202 6.80 -43.61 -4.86
N ASP A 203 8.03 -43.28 -4.47
CA ASP A 203 9.06 -44.28 -4.02
C ASP A 203 8.58 -44.98 -2.74
N GLY A 204 7.90 -44.25 -1.86
CA GLY A 204 7.45 -44.74 -0.55
C GLY A 204 8.31 -44.26 0.63
N SER A 205 9.56 -43.88 0.43
CA SER A 205 10.51 -43.51 1.52
C SER A 205 10.18 -42.11 2.10
N GLY A 206 9.67 -41.20 1.26
CA GLY A 206 9.07 -39.94 1.74
C GLY A 206 10.06 -38.94 2.34
N TYR A 207 9.50 -37.94 3.03
CA TYR A 207 10.24 -36.78 3.61
C TYR A 207 9.52 -36.24 4.87
N GLN A 208 10.27 -35.51 5.72
CA GLN A 208 9.74 -34.74 6.88
C GLN A 208 9.95 -33.23 6.63
N VAL A 209 9.19 -32.37 7.30
CA VAL A 209 9.24 -30.89 7.11
C VAL A 209 9.36 -30.18 8.47
N HIS A 210 10.23 -29.14 8.57
CA HIS A 210 10.35 -28.21 9.73
C HIS A 210 10.36 -26.76 9.18
N ARG A 211 9.44 -25.90 9.63
CA ARG A 211 9.38 -24.45 9.24
C ARG A 211 9.61 -23.56 10.47
N THR A 212 10.46 -22.54 10.35
CA THR A 212 10.61 -21.43 11.33
C THR A 212 10.19 -20.10 10.69
N VAL A 213 9.29 -19.37 11.37
CA VAL A 213 8.82 -18.01 10.92
C VAL A 213 9.25 -16.96 11.95
N ARG A 214 9.81 -15.83 11.50
CA ARG A 214 10.21 -14.68 12.37
C ARG A 214 9.35 -13.47 11.98
N PHE A 215 8.80 -12.75 12.95
CA PHE A 215 7.89 -11.58 12.73
C PHE A 215 8.60 -10.26 13.12
N GLU A 216 8.11 -9.13 12.60
CA GLU A 216 8.78 -7.80 12.76
C GLU A 216 8.72 -7.33 14.21
N ASP A 217 7.82 -7.88 15.04
CA ASP A 217 7.67 -7.50 16.48
C ASP A 217 8.51 -8.41 17.40
N GLY A 218 9.30 -9.35 16.85
CA GLY A 218 10.15 -10.30 17.60
C GLY A 218 9.46 -11.62 17.93
N ALA A 219 8.19 -11.82 17.55
CA ALA A 219 7.50 -13.11 17.74
C ALA A 219 8.12 -14.19 16.83
N SER A 220 7.92 -15.46 17.16
CA SER A 220 8.35 -16.58 16.32
C SER A 220 7.35 -17.74 16.36
N LEU A 221 7.33 -18.53 15.30
CA LEU A 221 6.42 -19.70 15.20
C LEU A 221 7.19 -20.85 14.53
N THR A 222 7.10 -22.08 15.06
CA THR A 222 7.64 -23.29 14.42
C THR A 222 6.50 -24.27 14.08
N VAL A 223 6.63 -24.99 12.96
CA VAL A 223 5.72 -26.12 12.57
C VAL A 223 6.54 -27.35 12.19
N ASN A 224 6.17 -28.55 12.65
CA ASN A 224 6.81 -29.85 12.28
C ASN A 224 5.74 -30.75 11.64
N TYR A 225 6.00 -31.34 10.45
CA TYR A 225 5.05 -32.20 9.72
C TYR A 225 5.57 -33.66 9.61
N ARG A 226 4.64 -34.61 9.71
CA ARG A 226 4.84 -36.05 9.33
C ARG A 226 3.67 -36.52 8.47
N TYR A 227 3.91 -37.46 7.53
CA TYR A 227 2.86 -37.94 6.57
C TYR A 227 2.86 -39.48 6.51
N THR A 228 1.70 -40.09 6.24
CA THR A 228 1.58 -41.53 5.85
C THR A 228 0.75 -41.65 4.57
N TYR A 229 1.17 -42.49 3.61
CA TYR A 229 0.52 -42.59 2.27
C TYR A 229 -0.29 -43.88 2.21
N GLU A 230 -1.63 -43.78 2.17
CA GLU A 230 -2.53 -44.97 1.99
C GLU A 230 -3.05 -44.94 0.54
N GLY A 231 -2.30 -45.53 -0.40
CA GLY A 231 -2.63 -45.40 -1.83
C GLY A 231 -2.60 -43.94 -2.29
N SER A 232 -3.68 -43.46 -2.89
CA SER A 232 -3.79 -42.04 -3.34
C SER A 232 -4.26 -41.09 -2.21
N HIS A 233 -4.39 -41.54 -0.96
CA HIS A 233 -4.86 -40.72 0.21
C HIS A 233 -3.69 -40.35 1.15
N ILE A 234 -3.44 -39.04 1.37
CA ILE A 234 -2.35 -38.59 2.29
C ILE A 234 -2.96 -38.31 3.69
N LYS A 235 -2.37 -38.85 4.77
CA LYS A 235 -2.72 -38.47 6.17
C LYS A 235 -1.59 -37.58 6.72
N GLY A 236 -1.85 -36.27 6.96
CA GLY A 236 -0.86 -35.32 7.49
C GLY A 236 -1.08 -34.93 8.94
N GLU A 237 0.01 -34.81 9.73
CA GLU A 237 0.02 -34.31 11.12
CA GLU A 237 -0.03 -34.26 11.11
C GLU A 237 0.97 -33.10 11.21
N ALA A 238 0.49 -31.95 11.74
CA ALA A 238 1.31 -30.72 11.91
C ALA A 238 1.21 -30.23 13.37
N GLN A 239 2.38 -30.09 14.03
CA GLN A 239 2.50 -29.59 15.42
C GLN A 239 3.05 -28.14 15.41
N VAL A 240 2.31 -27.20 16.01
CA VAL A 240 2.58 -25.73 15.93
C VAL A 240 2.96 -25.17 17.32
N LYS A 241 4.00 -24.32 17.43
CA LYS A 241 4.26 -23.55 18.68
C LYS A 241 4.61 -22.10 18.31
N GLY A 242 3.76 -21.14 18.69
CA GLY A 242 4.01 -19.70 18.50
C GLY A 242 4.22 -18.99 19.83
N THR A 243 5.19 -18.07 19.93
CA THR A 243 5.48 -17.34 21.20
C THR A 243 5.89 -15.88 20.91
N GLY A 244 5.77 -15.01 21.92
CA GLY A 244 6.27 -13.64 21.87
C GLY A 244 5.38 -12.67 21.11
N PHE A 245 4.12 -13.02 20.82
CA PHE A 245 3.13 -12.11 20.18
C PHE A 245 2.72 -11.03 21.20
N PRO A 246 2.76 -9.72 20.86
CA PRO A 246 2.18 -8.70 21.73
C PRO A 246 0.70 -8.93 22.07
N ALA A 247 0.34 -8.75 23.34
CA ALA A 247 -1.03 -9.02 23.85
C ALA A 247 -2.05 -8.14 23.13
N ASP A 248 -1.64 -6.92 22.67
CA ASP A 248 -2.54 -5.94 22.00
C ASP A 248 -2.30 -5.92 20.48
N GLY A 249 -1.54 -6.88 19.93
CA GLY A 249 -1.21 -6.95 18.50
C GLY A 249 -2.32 -7.62 17.67
N PRO A 250 -2.23 -7.63 16.32
CA PRO A 250 -3.34 -8.13 15.50
C PRO A 250 -3.55 -9.66 15.54
N VAL A 251 -2.55 -10.44 15.92
CA VAL A 251 -2.72 -11.92 16.05
C VAL A 251 -3.63 -12.19 17.28
N MET A 252 -3.30 -11.64 18.43
CA MET A 252 -4.01 -11.98 19.69
C MET A 252 -5.34 -11.23 19.78
N THR A 253 -5.57 -10.15 19.01
CA THR A 253 -6.88 -9.44 18.97
C THR A 253 -7.78 -9.88 17.78
N ASN A 254 -7.41 -10.90 16.97
CA ASN A 254 -8.18 -11.36 15.78
C ASN A 254 -8.45 -10.17 14.82
N SER A 255 -7.40 -9.44 14.39
CA SER A 255 -7.52 -8.22 13.54
C SER A 255 -6.86 -8.38 12.17
N LEU A 256 -6.49 -9.59 11.75
CA LEU A 256 -6.01 -9.82 10.38
C LEU A 256 -7.17 -10.12 9.41
N THR A 257 -7.05 -9.67 8.15
CA THR A 257 -8.08 -9.86 7.10
C THR A 257 -7.42 -10.03 5.73
N ALA A 258 -8.18 -10.46 4.71
CA ALA A 258 -7.78 -10.28 3.32
C ALA A 258 -7.79 -8.75 3.11
N PHE A 259 -6.99 -8.35 2.13
N PHE A 259 -6.80 -8.10 2.50
CA PHE A 259 -6.86 -6.97 1.61
CA PHE A 259 -6.95 -6.61 2.39
C PHE A 259 -8.20 -6.50 1.06
C PHE A 259 -7.19 -6.22 0.95
N HIS A 260 -8.63 -5.32 1.51
N HIS A 260 -8.10 -5.24 0.88
CA HIS A 260 -9.69 -4.48 0.90
CA HIS A 260 -9.07 -4.86 -0.18
C HIS A 260 -9.03 -3.17 0.43
C HIS A 260 -8.66 -3.48 -0.71
N ILE A 261 -9.56 -2.51 -0.61
CA ILE A 261 -9.19 -1.09 -0.88
C ILE A 261 -9.45 -0.36 0.43
N GLY A 262 -8.62 0.62 0.79
CA GLY A 262 -8.74 1.41 2.01
C GLY A 262 -8.75 2.91 1.72
N PRO A 263 -8.85 3.73 2.77
CA PRO A 263 -8.98 5.19 2.63
C PRO A 263 -7.87 5.92 1.83
N VAL A 264 -6.61 5.45 1.84
CA VAL A 264 -5.51 6.18 1.11
C VAL A 264 -5.02 5.36 -0.10
N THR A 265 -5.61 4.20 -0.44
CA THR A 265 -5.21 3.39 -1.63
C THR A 265 -5.13 4.27 -2.91
N GLN A 266 -6.09 5.17 -3.16
CA GLN A 266 -6.09 6.03 -4.39
C GLN A 266 -4.77 6.82 -4.51
N TYR A 267 -4.28 7.39 -3.41
CA TYR A 267 -3.05 8.23 -3.37
C TYR A 267 -1.81 7.35 -3.70
N GLY A 268 -1.73 6.16 -3.11
CA GLY A 268 -0.63 5.21 -3.39
C GLY A 268 -0.61 4.72 -4.84
N ASP A 269 -1.78 4.43 -5.41
CA ASP A 269 -1.90 3.97 -6.83
C ASP A 269 -1.40 5.08 -7.79
N GLN A 270 -1.74 6.36 -7.57
CA GLN A 270 -1.24 7.49 -8.40
C GLN A 270 0.31 7.57 -8.31
N GLU A 271 0.89 7.50 -7.10
CA GLU A 271 2.36 7.61 -6.89
C GLU A 271 3.08 6.47 -7.65
N PHE A 272 2.62 5.22 -7.51
CA PHE A 272 3.25 4.06 -8.20
C PHE A 272 3.12 4.19 -9.74
N THR A 273 1.97 4.65 -10.29
CA THR A 273 1.80 4.91 -11.75
C THR A 273 2.86 5.91 -12.26
N GLY A 274 3.09 7.02 -11.57
CA GLY A 274 4.05 8.05 -12.01
C GLY A 274 5.50 7.57 -11.83
N ALA A 275 5.83 6.91 -10.72
CA ALA A 275 7.22 6.43 -10.49
C ALA A 275 7.62 5.38 -11.54
N GLU A 276 6.72 4.43 -11.83
CA GLU A 276 7.00 3.30 -12.78
C GLU A 276 7.26 3.87 -14.18
N GLN A 277 6.46 4.84 -14.66
CA GLN A 277 6.66 5.42 -16.01
C GLN A 277 7.96 6.24 -16.05
N ALA A 278 8.27 7.02 -15.01
CA ALA A 278 9.49 7.87 -15.00
C ALA A 278 10.73 6.99 -15.03
N VAL A 279 10.76 5.91 -14.25
CA VAL A 279 11.96 5.01 -14.20
C VAL A 279 12.10 4.29 -15.55
N ALA A 280 10.99 3.86 -16.17
CA ALA A 280 11.06 3.25 -17.52
C ALA A 280 11.66 4.24 -18.52
N ASP A 281 11.22 5.51 -18.51
CA ASP A 281 11.70 6.55 -19.46
C ASP A 281 13.20 6.86 -19.24
N ILE A 282 13.62 7.01 -17.98
CA ILE A 282 15.05 7.28 -17.61
C ILE A 282 15.94 6.12 -18.09
N ASN A 283 15.54 4.87 -17.82
CA ASN A 283 16.33 3.67 -18.16
C ASN A 283 16.42 3.52 -19.69
N ALA A 284 15.35 3.82 -20.43
CA ALA A 284 15.33 3.75 -21.92
C ALA A 284 16.40 4.68 -22.54
N ARG A 285 16.74 5.76 -21.86
CA ARG A 285 17.72 6.79 -22.34
C ARG A 285 19.12 6.56 -21.74
N GLY A 286 19.38 5.41 -21.12
CA GLY A 286 20.71 5.02 -20.62
C GLY A 286 20.90 5.14 -19.12
N GLY A 287 19.85 5.46 -18.36
CA GLY A 287 19.94 5.53 -16.89
C GLY A 287 20.81 6.68 -16.41
N ILE A 288 21.55 6.49 -15.31
CA ILE A 288 22.48 7.51 -14.75
C ILE A 288 23.91 7.14 -15.15
N LYS A 289 24.47 7.80 -16.17
CA LYS A 289 25.79 7.44 -16.79
C LYS A 289 25.91 5.93 -16.99
N GLY A 290 24.90 5.28 -17.58
CA GLY A 290 24.92 3.85 -17.90
C GLY A 290 24.44 2.92 -16.79
N ASN A 291 24.21 3.41 -15.55
CA ASN A 291 23.70 2.58 -14.42
C ASN A 291 22.16 2.75 -14.34
N LYS A 292 21.42 1.63 -14.33
CA LYS A 292 19.93 1.67 -14.32
C LYS A 292 19.43 1.97 -12.90
N LEU A 293 18.31 2.69 -12.82
CA LEU A 293 17.54 2.90 -11.55
C LEU A 293 16.68 1.67 -11.28
N GLN A 294 16.58 1.24 -10.03
CA GLN A 294 15.73 0.09 -9.59
C GLN A 294 14.80 0.58 -8.48
N ILE A 295 13.48 0.55 -8.72
CA ILE A 295 12.46 0.83 -7.66
C ILE A 295 12.45 -0.31 -6.63
N VAL A 296 12.48 0.05 -5.33
CA VAL A 296 12.21 -0.86 -4.19
C VAL A 296 10.95 -0.32 -3.51
N LYS A 297 9.85 -1.10 -3.51
CA LYS A 297 8.52 -0.64 -3.00
C LYS A 297 8.39 -0.90 -1.49
N TYR A 298 7.90 0.12 -0.76
CA TYR A 298 7.52 0.05 0.68
C TYR A 298 6.07 0.59 0.83
N ASP A 299 5.43 0.38 2.00
CA ASP A 299 4.02 0.79 2.29
C ASP A 299 3.88 1.25 3.76
N ASP A 300 3.57 2.53 4.04
CA ASP A 300 3.45 3.04 5.44
C ASP A 300 1.96 3.18 5.89
N ALA A 301 0.96 2.86 5.04
CA ALA A 301 -0.49 2.99 5.34
C ALA A 301 -0.88 4.41 5.80
N CYS A 302 -0.08 5.43 5.50
CA CYS A 302 -0.25 6.81 6.02
C CYS A 302 -0.39 6.77 7.56
N ASP A 303 0.27 5.83 8.25
CA ASP A 303 0.22 5.64 9.74
C ASP A 303 1.54 6.08 10.38
N PRO A 304 1.55 6.90 11.46
CA PRO A 304 2.81 7.36 12.08
C PRO A 304 3.76 6.25 12.56
N LYS A 305 3.26 5.20 13.23
CA LYS A 305 4.11 4.10 13.77
C LYS A 305 4.66 3.24 12.62
N GLN A 306 3.84 2.96 11.59
CA GLN A 306 4.32 2.20 10.39
CA GLN A 306 4.30 2.21 10.38
C GLN A 306 5.33 3.04 9.61
N ALA A 307 5.20 4.40 9.55
CA ALA A 307 6.16 5.26 8.81
C ALA A 307 7.56 5.17 9.45
N VAL A 308 7.66 5.14 10.77
CA VAL A 308 8.96 5.03 11.51
C VAL A 308 9.57 3.64 11.28
N ALA A 309 8.77 2.59 11.30
CA ALA A 309 9.23 1.20 11.02
C ALA A 309 9.77 1.11 9.57
N VAL A 310 9.07 1.66 8.57
CA VAL A 310 9.55 1.72 7.15
C VAL A 310 10.89 2.48 7.06
N ALA A 311 10.98 3.67 7.65
CA ALA A 311 12.20 4.53 7.53
C ALA A 311 13.43 3.81 8.11
N ASN A 312 13.30 3.15 9.27
CA ASN A 312 14.41 2.35 9.88
C ASN A 312 14.80 1.20 8.93
N ARG A 313 13.83 0.53 8.28
CA ARG A 313 14.15 -0.57 7.32
C ARG A 313 14.89 -0.05 6.07
N VAL A 314 14.46 1.09 5.50
CA VAL A 314 15.12 1.72 4.31
C VAL A 314 16.59 1.95 4.67
N VAL A 315 16.87 2.51 5.84
CA VAL A 315 18.27 2.85 6.26
C VAL A 315 19.09 1.54 6.31
N ASN A 316 18.55 0.52 6.97
CA ASN A 316 19.24 -0.79 7.23
C ASN A 316 19.41 -1.57 5.93
N ASP A 317 18.54 -1.36 4.93
CA ASP A 317 18.62 -1.96 3.58
C ASP A 317 19.70 -1.26 2.70
N GLY A 318 20.34 -0.16 3.15
CA GLY A 318 21.47 0.46 2.43
C GLY A 318 21.05 1.50 1.39
N ILE A 319 19.77 1.89 1.36
CA ILE A 319 19.20 2.85 0.37
C ILE A 319 19.47 4.28 0.83
N LYS A 320 19.82 5.18 -0.11
CA LYS A 320 20.21 6.60 0.20
C LYS A 320 19.17 7.63 -0.28
N TYR A 321 18.14 7.25 -1.04
CA TYR A 321 17.20 8.20 -1.70
C TYR A 321 15.77 7.65 -1.55
N VAL A 322 14.84 8.48 -1.05
CA VAL A 322 13.41 8.11 -0.80
C VAL A 322 12.48 9.05 -1.58
N ILE A 323 11.55 8.49 -2.36
CA ILE A 323 10.39 9.22 -2.93
C ILE A 323 9.16 8.81 -2.12
N GLY A 324 8.52 9.77 -1.47
N GLY A 324 8.51 9.76 -1.48
CA GLY A 324 7.18 9.52 -0.92
CA GLY A 324 7.18 9.50 -0.92
C GLY A 324 7.08 9.79 0.56
C GLY A 324 7.07 9.78 0.55
N HIS A 325 6.25 8.95 1.22
CA HIS A 325 5.51 9.27 2.46
C HIS A 325 4.53 10.37 2.05
N LEU A 326 3.33 9.94 1.78
CA LEU A 326 2.32 10.76 1.07
C LEU A 326 1.55 11.70 2.00
N CYS A 327 1.04 11.24 3.13
CA CYS A 327 0.19 12.07 4.03
C CYS A 327 1.09 12.87 5.00
N SER A 328 0.66 14.07 5.41
CA SER A 328 1.47 14.94 6.31
C SER A 328 1.74 14.23 7.66
N SER A 329 0.77 13.48 8.19
CA SER A 329 0.91 12.79 9.51
C SER A 329 1.84 11.58 9.45
N SER A 330 2.27 11.09 8.27
CA SER A 330 3.29 10.01 8.14
C SER A 330 4.64 10.56 7.61
N ALA A 331 4.63 11.57 6.75
CA ALA A 331 5.87 12.20 6.22
C ALA A 331 6.67 12.87 7.37
N GLN A 332 6.01 13.45 8.37
CA GLN A 332 6.74 14.20 9.43
C GLN A 332 7.55 13.24 10.32
N PRO A 333 6.96 12.18 10.93
CA PRO A 333 7.77 11.24 11.72
C PRO A 333 8.86 10.51 10.92
N ALA A 334 8.61 10.19 9.64
CA ALA A 334 9.63 9.56 8.75
C ALA A 334 10.80 10.52 8.52
N SER A 335 10.52 11.82 8.31
CA SER A 335 11.55 12.85 8.03
C SER A 335 12.58 12.91 9.19
N ASP A 336 12.15 12.69 10.43
CA ASP A 336 13.07 12.73 11.60
C ASP A 336 14.13 11.63 11.45
N ILE A 337 13.72 10.41 11.07
CA ILE A 337 14.64 9.24 10.89
C ILE A 337 15.61 9.51 9.72
N TYR A 338 15.13 10.01 8.58
CA TYR A 338 15.97 10.24 7.38
C TYR A 338 17.01 11.35 7.67
N GLU A 339 16.60 12.49 8.25
CA GLU A 339 17.53 13.59 8.65
C GLU A 339 18.63 13.04 9.58
N ASP A 340 18.24 12.32 10.64
CA ASP A 340 19.20 11.75 11.65
C ASP A 340 20.18 10.76 10.98
N ALA A 341 19.80 10.02 9.94
CA ALA A 341 20.62 8.98 9.29
C ALA A 341 21.39 9.49 8.05
N GLY A 342 21.15 10.72 7.59
CA GLY A 342 21.82 11.29 6.40
C GLY A 342 21.24 10.78 5.08
N ILE A 343 19.92 10.53 5.01
CA ILE A 343 19.17 10.03 3.80
C ILE A 343 18.36 11.18 3.17
N LEU A 344 18.34 11.31 1.83
CA LEU A 344 17.48 12.30 1.10
C LEU A 344 16.02 11.82 1.02
N MET A 345 15.05 12.72 1.31
CA MET A 345 13.59 12.44 1.13
C MET A 345 12.95 13.54 0.28
N ILE A 346 12.25 13.17 -0.80
CA ILE A 346 11.41 14.07 -1.63
C ILE A 346 9.94 13.59 -1.59
N THR A 347 9.04 14.34 -0.93
CA THR A 347 7.57 14.03 -0.91
C THR A 347 6.89 14.69 -2.11
N PRO A 348 6.11 13.91 -2.92
CA PRO A 348 5.29 14.44 -4.01
C PRO A 348 3.88 14.89 -3.59
N ALA A 349 3.52 14.79 -2.31
CA ALA A 349 2.12 14.97 -1.90
C ALA A 349 1.89 15.62 -0.52
N ALA A 350 2.82 15.60 0.44
CA ALA A 350 2.51 16.12 1.80
C ALA A 350 2.55 17.66 1.78
N THR A 351 1.51 18.36 2.29
CA THR A 351 1.33 19.83 2.09
C THR A 351 1.36 20.61 3.43
N ALA A 352 1.40 19.98 4.60
CA ALA A 352 1.34 20.75 5.89
C ALA A 352 2.63 21.56 6.10
N PRO A 353 2.56 22.91 6.39
CA PRO A 353 3.79 23.70 6.57
C PRO A 353 4.83 23.21 7.59
N GLU A 354 4.41 22.54 8.67
CA GLU A 354 5.33 22.13 9.78
CA GLU A 354 5.36 22.16 9.78
C GLU A 354 6.46 21.20 9.27
N LEU A 355 6.22 20.38 8.24
CA LEU A 355 7.29 19.47 7.67
C LEU A 355 8.60 20.23 7.39
N THR A 356 8.54 21.43 6.81
CA THR A 356 9.73 22.19 6.33
C THR A 356 10.05 23.39 7.25
N ALA A 357 9.44 23.48 8.44
CA ALA A 357 9.55 24.63 9.37
C ALA A 357 10.51 24.34 10.55
N ARG A 358 11.33 23.29 10.51
CA ARG A 358 12.08 22.78 11.70
C ARG A 358 13.61 22.78 11.50
N GLY A 359 14.10 23.35 10.39
CA GLY A 359 15.54 23.54 10.09
C GLY A 359 16.19 22.37 9.38
N TYR A 360 15.43 21.39 8.87
CA TYR A 360 16.01 20.19 8.24
C TYR A 360 16.61 20.54 6.86
N GLN A 361 17.71 19.87 6.50
CA GLN A 361 18.51 20.13 5.26
C GLN A 361 18.33 19.07 4.16
N LEU A 362 17.76 17.88 4.46
CA LEU A 362 17.67 16.75 3.48
C LEU A 362 16.22 16.49 3.01
N ILE A 363 15.28 17.41 3.23
CA ILE A 363 13.83 17.23 2.93
C ILE A 363 13.42 18.23 1.85
N LEU A 364 12.83 17.74 0.73
CA LEU A 364 12.26 18.61 -0.33
C LEU A 364 10.85 18.15 -0.71
N ARG A 365 10.09 19.02 -1.36
CA ARG A 365 8.74 18.67 -1.91
C ARG A 365 8.65 18.95 -3.43
N THR A 366 7.74 18.25 -4.13
CA THR A 366 7.28 18.61 -5.50
C THR A 366 5.77 18.95 -5.48
N THR A 367 5.24 19.42 -4.35
CA THR A 367 3.89 20.04 -4.20
C THR A 367 4.01 21.34 -3.39
N GLY A 368 2.92 22.11 -3.25
CA GLY A 368 2.87 23.39 -2.52
C GLY A 368 2.48 23.24 -1.05
N LEU A 369 2.06 24.34 -0.41
CA LEU A 369 1.80 24.46 1.06
C LEU A 369 0.33 24.77 1.36
N ASP A 370 -0.21 24.23 2.45
CA ASP A 370 -1.63 24.45 2.85
C ASP A 370 -1.92 25.89 3.32
N SER A 371 -0.92 26.66 3.75
CA SER A 371 -1.09 28.12 4.00
C SER A 371 -1.54 28.80 2.70
N ASP A 372 -0.89 28.49 1.58
CA ASP A 372 -1.26 29.03 0.24
C ASP A 372 -2.57 28.43 -0.26
N GLN A 373 -2.79 27.12 -0.10
CA GLN A 373 -4.02 26.48 -0.61
C GLN A 373 -5.28 27.05 0.11
N GLY A 374 -5.22 27.23 1.41
CA GLY A 374 -6.37 27.75 2.19
C GLY A 374 -6.66 29.21 1.88
N LEU A 375 -5.65 30.03 1.65
CA LEU A 375 -5.86 31.45 1.27
C LEU A 375 -6.49 31.53 -0.12
N THR A 376 -6.08 30.69 -1.07
CA THR A 376 -6.67 30.62 -2.44
C THR A 376 -8.18 30.31 -2.34
N ALA A 377 -8.56 29.32 -1.51
CA ALA A 377 -10.00 28.99 -1.29
C ALA A 377 -10.76 30.17 -0.65
N ALA A 378 -10.26 30.77 0.43
CA ALA A 378 -10.93 31.92 1.11
C ALA A 378 -11.17 33.08 0.12
N LYS A 379 -10.18 33.41 -0.71
CA LYS A 379 -10.35 34.53 -1.70
C LYS A 379 -11.41 34.17 -2.76
N TYR A 380 -11.50 32.92 -3.22
CA TYR A 380 -12.54 32.51 -4.22
C TYR A 380 -13.94 32.63 -3.61
N ILE A 381 -14.10 32.20 -2.35
CA ILE A 381 -15.42 32.28 -1.65
C ILE A 381 -15.84 33.77 -1.53
N LEU A 382 -14.96 34.65 -1.09
CA LEU A 382 -15.26 36.11 -0.88
C LEU A 382 -15.52 36.82 -2.20
N GLU A 383 -14.80 36.50 -3.28
CA GLU A 383 -14.83 37.27 -4.55
C GLU A 383 -15.85 36.75 -5.57
N LYS A 384 -16.07 35.44 -5.66
CA LYS A 384 -16.80 34.79 -6.77
C LYS A 384 -18.05 34.06 -6.26
N VAL A 385 -18.05 33.45 -5.07
CA VAL A 385 -19.26 32.68 -4.63
C VAL A 385 -20.22 33.62 -3.90
N LYS A 386 -19.74 34.39 -2.91
CA LYS A 386 -20.51 35.32 -2.05
C LYS A 386 -21.73 34.63 -1.41
N PRO A 387 -21.54 33.52 -0.66
CA PRO A 387 -22.68 32.86 -0.03
C PRO A 387 -23.21 33.67 1.17
N GLN A 388 -24.40 33.32 1.65
CA GLN A 388 -25.13 33.97 2.77
C GLN A 388 -24.81 33.34 4.13
N ARG A 389 -24.77 32.00 4.24
CA ARG A 389 -24.64 31.27 5.54
C ARG A 389 -23.63 30.11 5.39
N ILE A 390 -22.44 30.23 5.98
CA ILE A 390 -21.29 29.27 5.79
C ILE A 390 -21.11 28.35 7.00
N ALA A 391 -20.86 27.05 6.77
CA ALA A 391 -20.34 26.12 7.81
C ALA A 391 -18.97 25.58 7.38
N ILE A 392 -18.05 25.41 8.35
CA ILE A 392 -16.70 24.80 8.11
C ILE A 392 -16.61 23.49 8.90
N VAL A 393 -16.30 22.37 8.24
CA VAL A 393 -16.21 20.99 8.82
C VAL A 393 -14.82 20.40 8.52
N HIS A 394 -14.23 19.62 9.44
CA HIS A 394 -12.89 18.99 9.27
C HIS A 394 -12.88 17.62 9.97
N ASP A 395 -11.83 16.82 9.77
CA ASP A 395 -11.74 15.41 10.29
C ASP A 395 -10.77 15.30 11.49
N LYS A 396 -10.36 16.41 12.09
CA LYS A 396 -9.52 16.46 13.33
C LYS A 396 -8.08 15.95 13.04
N GLN A 397 -7.66 15.80 11.79
CA GLN A 397 -6.29 15.33 11.41
C GLN A 397 -5.44 16.55 11.02
N GLN A 398 -4.11 16.39 10.97
CA GLN A 398 -3.14 17.50 10.71
C GLN A 398 -3.52 18.29 9.43
N TYR A 399 -3.74 17.59 8.32
CA TYR A 399 -4.06 18.18 7.00
C TYR A 399 -5.43 18.88 7.04
N GLY A 400 -6.51 18.15 7.32
CA GLY A 400 -7.90 18.70 7.20
C GLY A 400 -8.16 19.83 8.21
N GLU A 401 -7.76 19.66 9.48
CA GLU A 401 -7.94 20.72 10.52
C GLU A 401 -7.05 21.93 10.18
N GLY A 402 -5.83 21.75 9.69
CA GLY A 402 -4.99 22.88 9.27
C GLY A 402 -5.64 23.73 8.19
N LEU A 403 -6.15 23.09 7.14
CA LEU A 403 -6.82 23.82 6.05
C LEU A 403 -8.06 24.54 6.58
N ALA A 404 -8.87 23.89 7.41
CA ALA A 404 -10.14 24.50 7.92
C ALA A 404 -9.80 25.78 8.69
N ARG A 405 -8.73 25.75 9.52
CA ARG A 405 -8.27 26.95 10.27
C ARG A 405 -7.80 28.07 9.33
N ALA A 406 -7.06 27.74 8.25
CA ALA A 406 -6.55 28.72 7.28
C ALA A 406 -7.75 29.40 6.58
N VAL A 407 -8.74 28.60 6.13
CA VAL A 407 -9.99 29.14 5.48
C VAL A 407 -10.76 30.03 6.47
N GLN A 408 -11.00 29.57 7.70
CA GLN A 408 -11.68 30.34 8.80
C GLN A 408 -11.02 31.72 8.97
N GLY A 409 -9.69 31.80 9.10
CA GLY A 409 -8.96 33.07 9.25
C GLY A 409 -9.19 34.01 8.08
N GLY A 410 -9.13 33.49 6.87
CA GLY A 410 -9.32 34.28 5.62
C GLY A 410 -10.72 34.84 5.54
N LEU A 411 -11.72 34.03 5.87
CA LEU A 411 -13.15 34.45 5.81
C LEU A 411 -13.44 35.50 6.90
N LYS A 412 -12.92 35.32 8.10
CA LYS A 412 -13.13 36.29 9.22
C LYS A 412 -12.56 37.66 8.80
N LYS A 413 -11.39 37.69 8.14
CA LYS A 413 -10.72 38.94 7.69
C LYS A 413 -11.62 39.65 6.66
N GLY A 414 -12.38 38.90 5.84
CA GLY A 414 -13.29 39.46 4.83
C GLY A 414 -14.71 39.71 5.35
N ASN A 415 -14.95 39.51 6.65
CA ASN A 415 -16.26 39.69 7.35
C ASN A 415 -17.38 38.80 6.76
N ALA A 416 -17.09 37.56 6.37
CA ALA A 416 -18.12 36.62 5.91
C ALA A 416 -18.92 36.04 7.11
N ASN A 417 -20.13 35.54 6.88
CA ASN A 417 -21.04 34.96 7.91
C ASN A 417 -20.75 33.45 8.13
N VAL A 418 -19.76 33.10 8.97
CA VAL A 418 -19.47 31.70 9.40
C VAL A 418 -20.38 31.35 10.59
N VAL A 419 -21.36 30.48 10.35
CA VAL A 419 -22.39 30.09 11.37
C VAL A 419 -21.81 29.08 12.37
N PHE A 420 -21.07 28.04 11.93
CA PHE A 420 -20.43 27.08 12.86
C PHE A 420 -19.16 26.48 12.25
N PHE A 421 -18.27 26.00 13.14
CA PHE A 421 -16.96 25.33 12.85
C PHE A 421 -16.94 24.03 13.65
N ASP A 422 -16.88 22.86 13.02
CA ASP A 422 -17.00 21.58 13.78
C ASP A 422 -16.14 20.44 13.19
N GLY A 423 -15.79 19.48 14.04
CA GLY A 423 -15.02 18.28 13.66
C GLY A 423 -15.88 17.03 13.58
N ILE A 424 -15.59 16.14 12.63
CA ILE A 424 -16.15 14.76 12.59
C ILE A 424 -15.02 13.72 12.74
N THR A 425 -15.38 12.45 12.98
CA THR A 425 -14.38 11.36 13.20
C THR A 425 -14.09 10.65 11.86
N ALA A 426 -12.81 10.60 11.46
CA ALA A 426 -12.38 9.87 10.24
C ALA A 426 -12.83 8.40 10.36
N GLY A 427 -13.40 7.83 9.30
CA GLY A 427 -13.89 6.43 9.26
C GLY A 427 -15.39 6.31 9.54
N GLU A 428 -16.03 7.36 10.04
CA GLU A 428 -17.51 7.46 10.18
C GLU A 428 -18.18 7.24 8.82
N LYS A 429 -19.26 6.44 8.79
CA LYS A 429 -20.08 6.28 7.57
C LYS A 429 -21.50 6.88 7.75
N ASP A 430 -21.94 7.21 8.96
CA ASP A 430 -23.31 7.74 9.21
C ASP A 430 -23.25 9.23 9.51
N PHE A 431 -23.60 10.09 8.54
CA PHE A 431 -23.55 11.57 8.66
C PHE A 431 -24.97 12.14 8.86
N SER A 432 -25.89 11.35 9.42
CA SER A 432 -27.31 11.80 9.61
CA SER A 432 -27.32 11.77 9.67
C SER A 432 -27.40 13.03 10.53
N THR A 433 -26.60 13.12 11.61
CA THR A 433 -26.62 14.26 12.56
C THR A 433 -26.20 15.54 11.82
N LEU A 434 -25.09 15.49 11.05
CA LEU A 434 -24.58 16.67 10.30
C LEU A 434 -25.61 17.09 9.25
N VAL A 435 -26.16 16.15 8.46
CA VAL A 435 -27.11 16.45 7.36
C VAL A 435 -28.38 17.12 7.95
N ALA A 436 -28.91 16.58 9.05
CA ALA A 436 -30.11 17.19 9.70
C ALA A 436 -29.80 18.62 10.18
N ARG A 437 -28.59 18.88 10.71
CA ARG A 437 -28.14 20.22 11.19
C ARG A 437 -28.01 21.22 10.02
N LEU A 438 -27.43 20.82 8.88
CA LEU A 438 -27.33 21.70 7.69
C LEU A 438 -28.74 22.09 7.21
N LYS A 439 -29.70 21.16 7.23
CA LYS A 439 -31.11 21.42 6.81
C LYS A 439 -31.78 22.42 7.78
N LYS A 440 -31.69 22.16 9.09
CA LYS A 440 -32.33 22.98 10.17
C LYS A 440 -31.79 24.40 10.14
N GLU A 441 -30.46 24.56 10.02
CA GLU A 441 -29.78 25.89 10.10
C GLU A 441 -29.71 26.59 8.72
N ASN A 442 -30.33 26.08 7.66
CA ASN A 442 -30.43 26.74 6.33
C ASN A 442 -29.02 27.15 5.86
N ILE A 443 -28.05 26.21 5.89
CA ILE A 443 -26.65 26.47 5.42
C ILE A 443 -26.58 26.37 3.88
N ASP A 444 -26.14 27.42 3.17
CA ASP A 444 -26.05 27.38 1.67
CA ASP A 444 -26.06 27.34 1.68
C ASP A 444 -24.63 27.04 1.19
N PHE A 445 -23.61 27.04 2.05
CA PHE A 445 -22.21 26.77 1.61
C PHE A 445 -21.44 26.04 2.73
N VAL A 446 -20.76 24.92 2.39
CA VAL A 446 -19.85 24.16 3.31
C VAL A 446 -18.43 24.07 2.72
N TYR A 447 -17.40 24.40 3.52
CA TYR A 447 -15.98 24.04 3.23
C TYR A 447 -15.63 22.80 4.08
N TYR A 448 -15.19 21.71 3.45
CA TYR A 448 -14.76 20.45 4.13
C TYR A 448 -13.23 20.31 4.00
N GLY A 449 -12.50 20.26 5.11
CA GLY A 449 -11.05 19.95 5.11
C GLY A 449 -10.81 18.47 5.41
N GLY A 450 -10.27 17.70 4.48
CA GLY A 450 -10.06 16.24 4.68
C GLY A 450 -9.95 15.49 3.36
N TYR A 451 -10.18 14.17 3.41
CA TYR A 451 -9.93 13.20 2.31
C TYR A 451 -11.26 12.75 1.66
N HIS A 452 -11.18 12.11 0.49
CA HIS A 452 -12.35 11.67 -0.32
C HIS A 452 -13.29 10.71 0.44
N PRO A 453 -12.86 9.73 1.30
CA PRO A 453 -13.85 8.77 1.87
C PRO A 453 -15.00 9.46 2.65
N GLU A 454 -14.67 10.45 3.48
CA GLU A 454 -15.64 11.22 4.30
C GLU A 454 -16.42 12.20 3.37
N MET A 455 -15.73 12.92 2.48
CA MET A 455 -16.42 13.90 1.60
C MET A 455 -17.45 13.14 0.72
N GLY A 456 -17.11 11.96 0.18
CA GLY A 456 -18.05 11.21 -0.68
C GLY A 456 -19.34 10.82 0.07
N GLN A 457 -19.22 10.35 1.33
CA GLN A 457 -20.41 9.99 2.15
C GLN A 457 -21.26 11.22 2.47
N ILE A 458 -20.62 12.36 2.80
CA ILE A 458 -21.33 13.64 3.11
C ILE A 458 -22.13 14.08 1.86
N LEU A 459 -21.53 14.08 0.67
CA LEU A 459 -22.25 14.52 -0.55
C LEU A 459 -23.44 13.60 -0.86
N ARG A 460 -23.27 12.27 -0.80
CA ARG A 460 -24.39 11.38 -1.25
CA ARG A 460 -24.35 11.30 -1.18
C ARG A 460 -25.53 11.43 -0.20
N GLN A 461 -25.21 11.56 1.09
CA GLN A 461 -26.25 11.65 2.16
C GLN A 461 -26.95 13.03 2.11
N ALA A 462 -26.23 14.12 1.82
CA ALA A 462 -26.84 15.47 1.65
C ALA A 462 -27.88 15.48 0.51
N ARG A 463 -27.53 14.99 -0.69
CA ARG A 463 -28.46 15.03 -1.85
C ARG A 463 -29.64 14.06 -1.63
N ALA A 464 -29.44 12.92 -0.99
CA ALA A 464 -30.53 11.95 -0.69
C ALA A 464 -31.61 12.63 0.17
N ALA A 465 -31.23 13.54 1.07
CA ALA A 465 -32.14 14.23 2.02
C ALA A 465 -32.65 15.58 1.46
N GLY A 466 -32.32 15.95 0.22
CA GLY A 466 -32.89 17.13 -0.47
C GLY A 466 -32.13 18.44 -0.25
N LEU A 467 -30.91 18.43 0.34
CA LEU A 467 -30.08 19.66 0.51
C LEU A 467 -29.63 20.23 -0.84
N LYS A 468 -29.65 21.56 -1.00
CA LYS A 468 -29.18 22.28 -2.22
C LYS A 468 -27.83 22.97 -2.01
N THR A 469 -27.19 22.75 -0.85
CA THR A 469 -25.93 23.35 -0.38
C THR A 469 -24.84 23.23 -1.45
N GLN A 470 -24.05 24.28 -1.64
CA GLN A 470 -22.78 24.25 -2.45
C GLN A 470 -21.65 23.76 -1.53
N PHE A 471 -20.90 22.73 -1.95
CA PHE A 471 -19.72 22.22 -1.19
C PHE A 471 -18.40 22.63 -1.88
N MET A 472 -17.32 22.71 -1.08
CA MET A 472 -15.94 22.95 -1.57
C MET A 472 -14.94 22.15 -0.73
N GLY A 473 -13.89 21.58 -1.35
CA GLY A 473 -12.79 20.93 -0.61
C GLY A 473 -11.43 21.08 -1.30
N PRO A 474 -10.35 20.56 -0.66
CA PRO A 474 -8.97 20.73 -1.13
C PRO A 474 -8.54 19.59 -2.06
N GLU A 475 -7.26 19.55 -2.48
CA GLU A 475 -6.80 18.61 -3.51
C GLU A 475 -7.02 17.16 -3.06
N GLY A 476 -7.10 16.89 -1.75
CA GLY A 476 -7.33 15.51 -1.26
C GLY A 476 -8.70 14.94 -1.60
N VAL A 477 -9.67 15.76 -2.01
CA VAL A 477 -11.00 15.23 -2.44
C VAL A 477 -11.10 15.16 -3.97
N ALA A 478 -10.16 15.76 -4.75
CA ALA A 478 -10.25 15.93 -6.22
C ALA A 478 -9.69 14.70 -6.93
N ASN A 479 -10.39 13.56 -6.83
CA ASN A 479 -9.95 12.26 -7.44
C ASN A 479 -11.15 11.36 -7.81
N VAL A 480 -10.89 10.37 -8.67
CA VAL A 480 -11.95 9.44 -9.19
C VAL A 480 -12.62 8.64 -8.06
N SER A 481 -11.94 8.34 -6.92
CA SER A 481 -12.57 7.66 -5.75
C SER A 481 -13.72 8.51 -5.18
N LEU A 482 -13.62 9.86 -5.16
CA LEU A 482 -14.75 10.72 -4.71
C LEU A 482 -15.97 10.44 -5.61
N SER A 483 -15.78 10.44 -6.93
CA SER A 483 -16.86 10.15 -7.93
C SER A 483 -17.42 8.74 -7.78
N ASN A 484 -16.56 7.77 -7.51
CA ASN A 484 -16.99 6.36 -7.33
C ASN A 484 -17.94 6.28 -6.12
N ILE A 485 -17.64 6.97 -5.01
CA ILE A 485 -18.45 6.91 -3.75
C ILE A 485 -19.77 7.69 -3.92
N ALA A 486 -19.70 8.94 -4.43
CA ALA A 486 -20.82 9.91 -4.42
C ALA A 486 -21.71 9.79 -5.66
N GLY A 487 -21.21 9.26 -6.77
CA GLY A 487 -21.95 9.25 -8.05
C GLY A 487 -22.37 10.64 -8.50
N GLU A 488 -23.63 10.79 -8.96
CA GLU A 488 -24.15 12.11 -9.45
C GLU A 488 -24.04 13.20 -8.38
N SER A 489 -24.05 12.87 -7.07
CA SER A 489 -23.93 13.87 -5.97
C SER A 489 -22.59 14.64 -5.98
N ALA A 490 -21.58 14.14 -6.69
CA ALA A 490 -20.24 14.78 -6.85
C ALA A 490 -20.32 15.96 -7.84
N GLU A 491 -21.32 15.98 -8.74
CA GLU A 491 -21.40 17.01 -9.81
C GLU A 491 -21.50 18.42 -9.22
N GLY A 492 -20.61 19.32 -9.63
CA GLY A 492 -20.66 20.72 -9.20
C GLY A 492 -19.89 21.04 -7.90
N LEU A 493 -19.28 20.06 -7.25
CA LEU A 493 -18.29 20.31 -6.15
C LEU A 493 -17.20 21.30 -6.65
N LEU A 494 -16.85 22.32 -5.88
CA LEU A 494 -15.63 23.15 -6.13
C LEU A 494 -14.40 22.51 -5.45
N VAL A 495 -13.24 22.55 -6.11
CA VAL A 495 -11.96 22.06 -5.52
C VAL A 495 -10.80 23.01 -5.80
N THR A 496 -9.82 23.04 -4.89
CA THR A 496 -8.45 23.57 -5.17
C THR A 496 -7.54 22.38 -5.53
N LYS A 497 -6.66 22.55 -6.51
CA LYS A 497 -5.70 21.47 -6.91
C LYS A 497 -4.63 22.03 -7.84
N PRO A 498 -3.52 21.27 -7.99
CA PRO A 498 -2.51 21.58 -9.01
C PRO A 498 -3.11 21.66 -10.42
N LYS A 499 -2.42 22.34 -11.36
CA LYS A 499 -2.85 22.46 -12.78
C LYS A 499 -2.97 21.08 -13.46
N ASN A 500 -3.80 21.00 -14.50
CA ASN A 500 -4.04 19.76 -15.31
C ASN A 500 -2.80 19.49 -16.21
N TYR A 501 -1.71 18.93 -15.65
CA TYR A 501 -0.43 18.73 -16.38
C TYR A 501 -0.62 17.75 -17.56
N ASP A 502 -1.61 16.85 -17.47
CA ASP A 502 -1.95 15.84 -18.53
C ASP A 502 -2.45 16.53 -19.82
N GLN A 503 -2.83 17.79 -19.76
CA GLN A 503 -3.36 18.53 -20.95
C GLN A 503 -2.26 19.39 -21.61
N VAL A 504 -1.04 19.43 -21.09
CA VAL A 504 0.12 20.17 -21.70
C VAL A 504 0.63 19.36 -22.89
N PRO A 505 0.65 19.90 -24.15
CA PRO A 505 1.05 19.10 -25.29
C PRO A 505 2.41 18.38 -25.19
N ALA A 506 3.42 18.99 -24.58
CA ALA A 506 4.76 18.39 -24.40
C ALA A 506 4.66 17.08 -23.59
N ASN A 507 3.61 16.89 -22.78
CA ASN A 507 3.44 15.68 -21.92
C ASN A 507 2.62 14.58 -22.61
N LYS A 508 2.26 14.75 -23.89
CA LYS A 508 1.36 13.77 -24.59
C LYS A 508 1.97 12.38 -24.66
N HIS A 509 3.29 12.24 -24.89
CA HIS A 509 3.97 10.92 -24.98
CA HIS A 509 3.92 10.89 -25.01
C HIS A 509 3.81 10.11 -23.68
N ILE A 510 3.92 10.77 -22.52
CA ILE A 510 3.71 10.13 -21.19
C ILE A 510 2.24 9.69 -21.03
N VAL A 511 1.28 10.55 -21.37
CA VAL A 511 -0.18 10.23 -21.28
C VAL A 511 -0.47 8.96 -22.09
N ASP A 512 0.04 8.88 -23.34
CA ASP A 512 -0.19 7.72 -24.23
C ASP A 512 0.44 6.44 -23.66
N ALA A 513 1.65 6.49 -23.07
CA ALA A 513 2.36 5.33 -22.53
C ALA A 513 1.60 4.78 -21.31
N VAL A 514 1.08 5.67 -20.46
CA VAL A 514 0.25 5.26 -19.27
C VAL A 514 -1.08 4.61 -19.74
N LYS A 515 -1.78 5.24 -20.66
CA LYS A 515 -3.06 4.69 -21.23
C LYS A 515 -2.82 3.35 -21.96
N ALA A 516 -1.65 3.12 -22.56
CA ALA A 516 -1.32 1.82 -23.20
C ALA A 516 -1.26 0.67 -22.18
N LYS A 517 -1.08 0.95 -20.87
CA LYS A 517 -1.07 -0.09 -19.81
C LYS A 517 -2.45 -0.17 -19.12
N LYS A 518 -3.45 0.52 -19.65
CA LYS A 518 -4.85 0.63 -19.12
C LYS A 518 -4.86 1.30 -17.75
N GLN A 519 -3.84 2.14 -17.47
CA GLN A 519 -3.73 2.93 -16.21
C GLN A 519 -4.29 4.34 -16.45
N ASP A 520 -4.45 5.11 -15.37
CA ASP A 520 -5.13 6.42 -15.38
C ASP A 520 -4.12 7.55 -15.17
N PRO A 521 -3.80 8.38 -16.19
CA PRO A 521 -2.84 9.48 -16.02
C PRO A 521 -3.41 10.84 -15.54
N SER A 522 -4.68 10.89 -15.07
CA SER A 522 -5.41 12.17 -14.79
C SER A 522 -5.10 12.74 -13.38
N GLY A 523 -4.72 11.93 -12.39
CA GLY A 523 -4.51 12.38 -11.00
C GLY A 523 -3.23 13.22 -10.79
N ALA A 524 -3.26 14.30 -10.00
CA ALA A 524 -2.09 15.21 -9.85
C ALA A 524 -0.83 14.46 -9.36
N PHE A 525 -0.98 13.41 -8.55
CA PHE A 525 0.20 12.73 -7.91
C PHE A 525 0.92 11.85 -8.95
N VAL A 526 0.31 11.49 -10.08
CA VAL A 526 1.09 10.93 -11.23
C VAL A 526 2.23 11.92 -11.62
N TRP A 527 1.90 13.21 -11.78
CA TRP A 527 2.77 14.29 -12.33
C TRP A 527 3.78 14.77 -11.25
N THR A 528 3.33 15.02 -10.01
CA THR A 528 4.27 15.41 -8.91
C THR A 528 5.30 14.30 -8.67
N THR A 529 4.90 13.01 -8.76
CA THR A 529 5.83 11.87 -8.55
C THR A 529 6.81 11.82 -9.75
N TYR A 530 6.33 11.92 -10.98
CA TYR A 530 7.22 11.90 -12.19
C TYR A 530 8.29 13.01 -12.05
N ALA A 531 7.88 14.22 -11.65
CA ALA A 531 8.75 15.40 -11.44
C ALA A 531 9.77 15.15 -10.31
N ALA A 532 9.40 14.46 -9.21
CA ALA A 532 10.34 14.07 -8.12
C ALA A 532 11.48 13.18 -8.67
N LEU A 533 11.17 12.20 -9.54
CA LEU A 533 12.20 11.30 -10.16
C LEU A 533 13.07 12.12 -11.11
N GLN A 534 12.51 13.09 -11.85
CA GLN A 534 13.34 13.96 -12.77
C GLN A 534 14.30 14.83 -11.93
N SER A 535 13.85 15.31 -10.77
CA SER A 535 14.68 16.14 -9.84
C SER A 535 15.83 15.28 -9.26
N LEU A 536 15.54 14.07 -8.77
CA LEU A 536 16.59 13.11 -8.32
C LEU A 536 17.61 12.84 -9.45
N GLN A 537 17.14 12.58 -10.68
CA GLN A 537 18.02 12.32 -11.86
C GLN A 537 19.03 13.47 -12.01
N ALA A 538 18.56 14.72 -11.97
CA ALA A 538 19.42 15.91 -12.16
C ALA A 538 20.48 15.93 -11.06
N GLY A 539 20.09 15.63 -9.81
CA GLY A 539 21.06 15.54 -8.71
C GLY A 539 22.11 14.45 -8.88
N LEU A 540 21.70 13.23 -9.23
CA LEU A 540 22.57 12.04 -9.34
C LEU A 540 23.60 12.27 -10.47
N ASN A 541 23.30 13.12 -11.46
CA ASN A 541 24.26 13.49 -12.54
C ASN A 541 25.41 14.34 -11.96
N GLN A 542 25.26 14.97 -10.78
CA GLN A 542 26.30 15.79 -10.11
C GLN A 542 27.01 15.03 -8.97
N SER A 543 26.29 14.24 -8.16
CA SER A 543 26.85 13.57 -6.94
C SER A 543 25.95 12.39 -6.51
N ASP A 544 26.54 11.37 -5.89
CA ASP A 544 25.78 10.27 -5.22
C ASP A 544 25.46 10.61 -3.76
N ASP A 545 25.94 11.71 -3.19
CA ASP A 545 25.83 12.00 -1.73
C ASP A 545 24.56 12.82 -1.47
N PRO A 546 23.65 12.37 -0.57
CA PRO A 546 22.42 13.13 -0.29
C PRO A 546 22.58 14.63 0.02
N ALA A 547 23.56 15.03 0.85
CA ALA A 547 23.76 16.46 1.21
C ALA A 547 24.17 17.29 -0.01
N GLU A 548 25.01 16.74 -0.90
CA GLU A 548 25.44 17.42 -2.17
C GLU A 548 24.26 17.55 -3.14
N ILE A 549 23.39 16.53 -3.22
CA ILE A 549 22.16 16.59 -4.07
C ILE A 549 21.23 17.72 -3.57
N ALA A 550 20.95 17.81 -2.26
CA ALA A 550 20.04 18.83 -1.70
C ALA A 550 20.62 20.24 -1.96
N LYS A 551 21.93 20.45 -1.76
CA LYS A 551 22.62 21.73 -2.06
C LYS A 551 22.49 22.09 -3.56
N TYR A 552 22.70 21.15 -4.47
CA TYR A 552 22.62 21.39 -5.93
C TYR A 552 21.19 21.83 -6.31
N LEU A 553 20.16 21.09 -5.89
CA LEU A 553 18.75 21.44 -6.23
C LEU A 553 18.38 22.82 -5.68
N LYS A 554 18.79 23.16 -4.45
CA LYS A 554 18.44 24.48 -3.84
C LYS A 554 19.17 25.63 -4.56
N ALA A 555 20.20 25.37 -5.35
CA ALA A 555 20.98 26.44 -6.05
C ALA A 555 20.63 26.54 -7.54
N ASN A 556 19.83 25.63 -8.10
CA ASN A 556 19.64 25.50 -9.58
C ASN A 556 18.15 25.41 -9.97
N SER A 557 17.87 25.47 -11.28
CA SER A 557 16.55 25.20 -11.92
C SER A 557 16.60 23.81 -12.60
N VAL A 558 15.54 23.00 -12.48
CA VAL A 558 15.39 21.70 -13.19
C VAL A 558 14.15 21.73 -14.10
N ASP A 559 14.31 21.41 -15.39
CA ASP A 559 13.15 21.28 -16.32
C ASP A 559 12.43 19.95 -16.01
N THR A 560 11.10 19.99 -15.79
CA THR A 560 10.25 18.81 -15.45
C THR A 560 8.92 18.85 -16.22
N VAL A 561 8.12 17.79 -16.07
CA VAL A 561 6.72 17.71 -16.60
C VAL A 561 5.83 18.81 -15.98
N MET A 562 6.25 19.42 -14.87
CA MET A 562 5.52 20.51 -14.15
C MET A 562 6.01 21.91 -14.58
N GLY A 563 6.95 21.97 -15.53
CA GLY A 563 7.69 23.20 -15.86
C GLY A 563 9.03 23.30 -15.12
N PRO A 564 9.73 24.44 -15.23
CA PRO A 564 11.00 24.62 -14.50
C PRO A 564 10.76 24.75 -12.99
N LEU A 565 11.37 23.88 -12.19
CA LEU A 565 11.25 23.91 -10.69
C LEU A 565 12.47 24.59 -10.04
N THR A 566 12.23 25.44 -9.03
CA THR A 566 13.26 26.01 -8.10
C THR A 566 12.77 25.85 -6.66
N TRP A 567 13.68 25.78 -5.69
CA TRP A 567 13.42 25.51 -4.25
C TRP A 567 14.08 26.59 -3.39
N ASP A 568 13.46 26.94 -2.26
CA ASP A 568 14.08 27.83 -1.24
C ASP A 568 14.97 27.01 -0.30
N GLU A 569 15.56 27.67 0.73
CA GLU A 569 16.57 27.00 1.59
CA GLU A 569 16.55 27.05 1.64
C GLU A 569 15.92 25.94 2.50
N LYS A 570 14.60 26.00 2.72
CA LYS A 570 13.91 24.97 3.55
C LYS A 570 13.32 23.83 2.71
N GLY A 571 13.47 23.83 1.39
CA GLY A 571 13.05 22.70 0.53
C GLY A 571 11.65 22.84 -0.08
N ASP A 572 11.06 24.04 -0.05
CA ASP A 572 9.72 24.30 -0.66
C ASP A 572 9.81 24.87 -2.08
N LEU A 573 8.86 24.56 -2.97
CA LEU A 573 8.84 25.09 -4.35
C LEU A 573 8.59 26.60 -4.35
N LYS A 574 9.35 27.36 -5.15
CA LYS A 574 9.10 28.82 -5.32
C LYS A 574 8.02 29.05 -6.38
N GLY A 575 7.09 29.97 -6.12
CA GLY A 575 6.06 30.40 -7.08
C GLY A 575 5.04 29.30 -7.45
N PHE A 576 4.79 28.31 -6.60
CA PHE A 576 3.76 27.26 -6.85
C PHE A 576 2.36 27.87 -6.73
N GLU A 577 1.43 27.55 -7.64
CA GLU A 577 0.00 28.03 -7.53
C GLU A 577 -1.01 26.88 -7.59
N PHE A 578 -1.99 26.87 -6.67
CA PHE A 578 -3.20 25.99 -6.75
C PHE A 578 -4.27 26.72 -7.58
N GLY A 579 -4.94 26.02 -8.49
CA GLY A 579 -6.08 26.53 -9.28
C GLY A 579 -7.42 26.20 -8.62
N VAL A 580 -8.52 26.86 -9.02
CA VAL A 580 -9.92 26.49 -8.61
C VAL A 580 -10.67 25.86 -9.80
N PHE A 581 -11.28 24.69 -9.59
CA PHE A 581 -11.96 23.88 -10.64
C PHE A 581 -13.39 23.46 -10.21
N ASP A 582 -14.28 23.30 -11.20
CA ASP A 582 -15.52 22.52 -11.08
C ASP A 582 -15.21 21.03 -11.22
N TRP A 583 -15.59 20.19 -10.25
CA TRP A 583 -15.46 18.71 -10.32
C TRP A 583 -16.73 18.11 -10.95
N HIS A 584 -16.60 17.00 -11.71
CA HIS A 584 -17.72 16.37 -12.46
C HIS A 584 -17.89 14.88 -12.04
N ALA A 585 -19.10 14.37 -12.15
CA ALA A 585 -19.44 12.98 -11.76
C ALA A 585 -18.64 11.96 -12.58
N ASN A 586 -18.11 12.30 -13.77
CA ASN A 586 -17.30 11.36 -14.61
C ASN A 586 -15.80 11.38 -14.21
N GLY A 587 -15.47 12.04 -13.09
CA GLY A 587 -14.10 12.04 -12.53
C GLY A 587 -13.14 12.94 -13.28
N THR A 588 -13.60 14.15 -13.62
N THR A 588 -13.64 14.09 -13.80
CA THR A 588 -12.95 15.13 -14.52
CA THR A 588 -12.89 15.13 -14.56
C THR A 588 -13.05 16.52 -13.85
C THR A 588 -13.01 16.49 -13.84
N ALA A 589 -12.09 17.43 -14.15
CA ALA A 589 -12.03 18.80 -13.57
C ALA A 589 -11.90 19.86 -14.67
N THR A 590 -12.72 20.92 -14.63
CA THR A 590 -12.64 22.05 -15.60
C THR A 590 -12.43 23.37 -14.86
N ASP A 591 -11.73 24.33 -15.46
CA ASP A 591 -11.47 25.68 -14.88
C ASP A 591 -12.78 26.31 -14.36
N ALA A 592 -12.83 26.75 -13.11
CA ALA A 592 -14.08 27.26 -12.49
C ALA A 592 -14.44 28.62 -13.09
N LYS A 593 -13.46 29.38 -13.58
CA LYS A 593 -13.70 30.67 -14.31
C LYS A 593 -12.71 30.82 -15.48
N ILE B . -1.89 16.76 0.96
CA ILE B . -2.50 15.76 1.87
C ILE B . -1.62 15.59 3.12
O ILE B . -0.60 16.30 3.20
CB ILE B . -2.80 14.42 1.16
CG1 ILE B . -1.61 13.86 0.37
CG2 ILE B . -4.01 14.56 0.25
CD1 ILE B . -1.72 12.35 0.04
OXT ILE B . -1.96 14.78 4.04
C1 GOL C . 21.96 1.43 -3.29
O1 GOL C . 21.95 1.26 -4.71
C2 GOL C . 22.48 2.80 -2.89
O2 GOL C . 23.80 3.00 -3.38
C3 GOL C . 21.59 3.93 -3.35
O3 GOL C . 20.31 3.85 -2.76
C1 GOL D . -5.44 15.55 -6.99
O1 GOL D . -5.35 15.89 -8.39
C2 GOL D . -5.25 14.05 -6.76
O2 GOL D . -6.11 13.38 -7.68
C3 GOL D . -5.45 13.62 -5.31
O3 GOL D . -6.80 13.64 -4.81
C1 GOL E . -8.58 16.25 -13.49
O1 GOL E . -8.10 15.16 -12.70
C2 GOL E . -8.72 15.89 -14.96
O2 GOL E . -9.93 16.41 -15.50
C3 GOL E . -7.59 16.38 -15.83
O3 GOL E . -7.56 15.68 -17.06
CL CL F . 7.52 -24.21 1.78
#